data_4C35
#
_entry.id   4C35
#
_cell.length_a   70.440
_cell.length_b   73.380
_cell.length_c   77.340
_cell.angle_alpha   90.00
_cell.angle_beta   90.00
_cell.angle_gamma   90.00
#
_symmetry.space_group_name_H-M   'P 21 21 21'
#
loop_
_entity.id
_entity.type
_entity.pdbx_description
1 polymer 'CAMP-DEPENDENT PROTEIN KINASE CATALYTIC SUBUNIT ALPHA'
2 polymer 'CAMP-DEPENDENT PROTEIN KINASE INHIBITOR ALPHA'
3 non-polymer 2-(4-hydroxyphenyl)-1H-benzimidazole-4-carboxamide
4 non-polymer (4S)-2-METHYL-2,4-PENTANEDIOL
5 water water
#
loop_
_entity_poly.entity_id
_entity_poly.type
_entity_poly.pdbx_seq_one_letter_code
_entity_poly.pdbx_strand_id
1 'polypeptide(L)'
;MGNAAAAKKG(SEP)EQESVKEFLAKAKEDFLKKWENPAQNTAHLDQFERIKTLGTGSYGRVMLVKHMETGNHYAMKILD
KQKVVKLKQIEHTLNEKRILQAVNFPFLVKLEFSFKDNSNLYMVLEYLPGGEMFSHLRRIGRF(SEP)EPHARFYAAQIV
LTFEYLHSLDLIYRDLKPENLMIDQQGYIKVTDFGFAKRVKGRTW(TPO)LCGTPEYLAPEIILSKGYNKAVDWWALGVL
IYEMAAGYPPFFADQPIQIYEKIVSGKVRFPSHFSSDLKDLLRNLLQVDLTKRFGNLKNGVNDIKNHKWFATTDWIAIYQ
RKVEAPFIPKFKGPGDTSNFDDYEEEEIRV(SEP)INEKCGKEFSEF
;
A
2 'polypeptide(L)' TTYADFIASGRTGRRNAI I
#
loop_
_chem_comp.id
_chem_comp.type
_chem_comp.name
_chem_comp.formula
MPD non-polymer (4S)-2-METHYL-2,4-PENTANEDIOL 'C6 H14 O2'
NU3 non-polymer 2-(4-hydroxyphenyl)-1H-benzimidazole-4-carboxamide 'C14 H11 N3 O2'
#
# COMPACT_ATOMS: atom_id res chain seq x y z
N SEP A 11 -8.56 -1.42 -30.86
CA SEP A 11 -7.17 -1.64 -30.48
CB SEP A 11 -6.27 -0.58 -31.16
OG SEP A 11 -4.90 -1.04 -31.27
C SEP A 11 -7.02 -1.63 -28.96
O SEP A 11 -7.44 -0.68 -28.30
P SEP A 11 -3.89 0.13 -31.16
O1P SEP A 11 -4.02 0.78 -29.83
O2P SEP A 11 -2.43 -0.36 -31.21
O3P SEP A 11 -4.18 1.18 -32.25
N GLU A 12 -6.41 -2.71 -28.41
CA GLU A 12 -6.18 -2.90 -26.97
C GLU A 12 -5.36 -1.77 -26.32
N GLN A 13 -4.35 -1.23 -27.05
CA GLN A 13 -3.51 -0.15 -26.56
C GLN A 13 -4.21 1.22 -26.62
N GLU A 14 -5.20 1.37 -27.53
CA GLU A 14 -5.98 2.60 -27.70
C GLU A 14 -6.99 2.73 -26.55
N SER A 15 -7.45 1.57 -26.01
CA SER A 15 -8.39 1.45 -24.89
C SER A 15 -7.73 1.94 -23.59
N VAL A 16 -6.49 1.46 -23.32
CA VAL A 16 -5.71 1.84 -22.13
C VAL A 16 -5.41 3.35 -22.10
N LYS A 17 -5.05 3.94 -23.23
CA LYS A 17 -4.76 5.37 -23.38
C LYS A 17 -5.99 6.24 -23.09
N GLU A 18 -7.18 5.81 -23.61
CA GLU A 18 -8.45 6.53 -23.38
C GLU A 18 -8.88 6.46 -21.92
N PHE A 19 -8.74 5.28 -21.30
CA PHE A 19 -9.04 5.03 -19.88
C PHE A 19 -8.14 5.94 -19.00
N LEU A 20 -6.82 5.94 -19.26
CA LEU A 20 -5.86 6.74 -18.49
C LEU A 20 -6.11 8.25 -18.64
N ALA A 21 -6.47 8.71 -19.85
CA ALA A 21 -6.80 10.13 -20.09
C ALA A 21 -8.03 10.57 -19.26
N LYS A 22 -9.08 9.74 -19.23
CA LYS A 22 -10.28 10.02 -18.47
C LYS A 22 -9.98 9.98 -16.97
N ALA A 23 -9.16 8.99 -16.53
CA ALA A 23 -8.78 8.82 -15.14
C ALA A 23 -7.98 10.00 -14.61
N LYS A 24 -7.10 10.59 -15.45
CA LYS A 24 -6.28 11.76 -15.10
C LYS A 24 -7.17 12.97 -14.86
N GLU A 25 -8.16 13.15 -15.76
CA GLU A 25 -9.16 14.20 -15.73
C GLU A 25 -10.01 14.07 -14.45
N ASP A 26 -10.41 12.84 -14.09
CA ASP A 26 -11.22 12.63 -12.87
C ASP A 26 -10.39 12.98 -11.62
N PHE A 27 -9.11 12.54 -11.60
CA PHE A 27 -8.20 12.79 -10.49
C PHE A 27 -7.91 14.28 -10.28
N LEU A 28 -7.56 15.02 -11.35
CA LEU A 28 -7.21 16.44 -11.26
C LEU A 28 -8.33 17.32 -10.73
N LYS A 29 -9.56 16.95 -11.06
CA LYS A 29 -10.77 17.67 -10.67
C LYS A 29 -10.96 17.53 -9.16
N LYS A 30 -10.90 16.27 -8.64
CA LYS A 30 -11.05 15.96 -7.22
C LYS A 30 -9.87 16.50 -6.44
N TRP A 31 -8.68 16.46 -7.04
CA TRP A 31 -7.43 16.94 -6.46
C TRP A 31 -7.49 18.46 -6.23
N GLU A 32 -8.04 19.21 -7.23
CA GLU A 32 -8.19 20.66 -7.16
C GLU A 32 -9.19 21.12 -6.13
N ASN A 33 -10.35 20.43 -6.05
N ASN A 33 -10.36 20.45 -6.06
CA ASN A 33 -11.41 20.76 -5.09
CA ASN A 33 -11.44 20.76 -5.11
C ASN A 33 -11.76 19.51 -4.26
C ASN A 33 -11.76 19.51 -4.26
N PRO A 34 -10.96 19.19 -3.22
CA PRO A 34 -11.22 18.00 -2.41
C PRO A 34 -12.50 18.04 -1.58
N ALA A 35 -13.17 16.90 -1.44
CA ALA A 35 -14.37 16.79 -0.60
C ALA A 35 -13.93 16.89 0.87
N GLN A 36 -14.73 17.62 1.66
CA GLN A 36 -14.51 17.85 3.09
C GLN A 36 -15.81 17.66 3.83
N ASN A 37 -15.72 17.24 5.13
CA ASN A 37 -16.82 17.15 6.10
C ASN A 37 -18.09 16.46 5.52
N THR A 38 -17.95 15.20 5.14
CA THR A 38 -19.02 14.44 4.48
C THR A 38 -19.77 13.49 5.43
N ALA A 39 -19.48 13.57 6.75
CA ALA A 39 -20.11 12.78 7.80
C ALA A 39 -19.82 13.40 9.18
N HIS A 40 -20.33 12.76 10.25
CA HIS A 40 -20.15 13.19 11.64
C HIS A 40 -19.89 11.95 12.52
N LEU A 41 -19.19 12.11 13.64
CA LEU A 41 -18.84 11.01 14.56
C LEU A 41 -20.08 10.33 15.15
N ASP A 42 -21.14 11.13 15.50
CA ASP A 42 -22.39 10.64 16.09
C ASP A 42 -23.17 9.65 15.19
N GLN A 43 -22.82 9.58 13.89
CA GLN A 43 -23.42 8.69 12.88
C GLN A 43 -22.86 7.26 12.92
N PHE A 44 -21.85 7.02 13.77
CA PHE A 44 -21.17 5.73 13.83
C PHE A 44 -21.12 5.11 15.20
N GLU A 45 -21.05 3.79 15.22
CA GLU A 45 -20.93 2.96 16.41
C GLU A 45 -19.57 2.24 16.32
N ARG A 46 -18.73 2.37 17.38
CA ARG A 46 -17.43 1.69 17.40
C ARG A 46 -17.61 0.20 17.71
N ILE A 47 -16.92 -0.67 16.97
CA ILE A 47 -17.03 -2.11 17.20
C ILE A 47 -15.72 -2.63 17.86
N LYS A 48 -14.55 -2.29 17.27
CA LYS A 48 -13.28 -2.84 17.73
C LYS A 48 -12.08 -2.08 17.14
N THR A 49 -10.98 -1.93 17.90
CA THR A 49 -9.75 -1.32 17.38
C THR A 49 -9.11 -2.38 16.48
N LEU A 50 -8.84 -2.03 15.21
CA LEU A 50 -8.27 -2.95 14.23
C LEU A 50 -6.78 -2.79 14.05
N GLY A 51 -6.28 -1.58 14.33
CA GLY A 51 -4.88 -1.24 14.15
C GLY A 51 -4.48 -0.04 14.96
N THR A 52 -3.20 0.03 15.33
CA THR A 52 -2.66 1.11 16.16
C THR A 52 -1.31 1.58 15.59
N GLY A 53 -0.81 2.71 16.09
CA GLY A 53 0.48 3.27 15.67
C GLY A 53 0.63 4.73 16.04
N SER A 54 1.70 5.37 15.52
CA SER A 54 1.99 6.79 15.79
C SER A 54 0.92 7.69 15.19
N TYR A 55 0.41 7.33 13.98
CA TYR A 55 -0.65 8.04 13.24
C TYR A 55 -1.91 8.26 14.11
N GLY A 56 -2.21 7.27 14.94
CA GLY A 56 -3.38 7.21 15.79
C GLY A 56 -3.85 5.77 15.77
N ARG A 57 -5.08 5.53 15.31
CA ARG A 57 -5.66 4.17 15.27
C ARG A 57 -6.73 3.98 14.19
N VAL A 58 -7.00 2.71 13.87
CA VAL A 58 -8.03 2.26 12.93
C VAL A 58 -9.00 1.43 13.76
N MET A 59 -10.27 1.76 13.61
CA MET A 59 -11.35 1.09 14.29
C MET A 59 -12.38 0.56 13.30
N LEU A 60 -12.94 -0.63 13.58
CA LEU A 60 -14.08 -1.12 12.85
C LEU A 60 -15.26 -0.29 13.40
N VAL A 61 -16.04 0.34 12.50
CA VAL A 61 -17.22 1.14 12.86
C VAL A 61 -18.49 0.65 12.13
N LYS A 62 -19.67 0.99 12.65
CA LYS A 62 -20.95 0.65 12.04
C LYS A 62 -21.71 1.96 11.81
N HIS A 63 -22.03 2.27 10.57
CA HIS A 63 -22.79 3.46 10.18
C HIS A 63 -24.24 3.20 10.63
N MET A 64 -24.70 3.95 11.67
CA MET A 64 -26.00 3.81 12.34
C MET A 64 -27.21 3.67 11.42
N GLU A 65 -27.37 4.59 10.44
CA GLU A 65 -28.53 4.60 9.52
C GLU A 65 -28.60 3.41 8.57
N THR A 66 -27.47 3.00 8.01
CA THR A 66 -27.41 1.91 7.05
C THR A 66 -27.07 0.52 7.61
N GLY A 67 -26.38 0.47 8.75
CA GLY A 67 -25.89 -0.78 9.32
C GLY A 67 -24.60 -1.22 8.65
N ASN A 68 -24.10 -0.40 7.68
CA ASN A 68 -22.86 -0.69 6.95
C ASN A 68 -21.61 -0.53 7.82
N HIS A 69 -20.65 -1.46 7.68
CA HIS A 69 -19.37 -1.44 8.41
C HIS A 69 -18.27 -0.73 7.60
N TYR A 70 -17.40 0.01 8.32
CA TYR A 70 -16.29 0.72 7.73
C TYR A 70 -15.10 0.66 8.67
N ALA A 71 -13.89 0.89 8.14
CA ALA A 71 -12.70 1.03 8.98
C ALA A 71 -12.54 2.55 9.16
N MET A 72 -12.39 3.02 10.40
CA MET A 72 -12.22 4.45 10.63
C MET A 72 -10.83 4.72 11.21
N LYS A 73 -10.04 5.47 10.45
CA LYS A 73 -8.72 5.88 10.88
C LYS A 73 -8.94 7.19 11.65
N ILE A 74 -8.48 7.26 12.90
CA ILE A 74 -8.63 8.43 13.78
C ILE A 74 -7.22 8.97 14.12
N LEU A 75 -6.95 10.23 13.77
CA LEU A 75 -5.69 10.86 14.07
C LEU A 75 -5.93 11.96 15.10
N ASP A 76 -5.07 12.04 16.13
CA ASP A 76 -5.14 13.06 17.17
C ASP A 76 -4.40 14.29 16.59
N LYS A 77 -5.09 15.42 16.35
CA LYS A 77 -4.51 16.64 15.75
C LYS A 77 -3.24 17.13 16.47
N GLN A 78 -3.29 17.16 17.82
CA GLN A 78 -2.18 17.59 18.65
C GLN A 78 -0.94 16.73 18.48
N LYS A 79 -1.12 15.38 18.38
CA LYS A 79 -0.01 14.45 18.17
C LYS A 79 0.55 14.57 16.76
N VAL A 80 -0.32 14.82 15.76
CA VAL A 80 0.06 15.00 14.35
C VAL A 80 1.00 16.21 14.22
N VAL A 81 0.64 17.34 14.87
CA VAL A 81 1.41 18.58 14.92
C VAL A 81 2.73 18.34 15.65
N LYS A 82 2.69 17.62 16.79
CA LYS A 82 3.88 17.27 17.59
C LYS A 82 4.86 16.35 16.86
N LEU A 83 4.34 15.42 16.05
CA LEU A 83 5.19 14.51 15.28
C LEU A 83 5.58 15.06 13.90
N LYS A 84 5.19 16.32 13.60
CA LYS A 84 5.44 17.07 12.35
C LYS A 84 4.87 16.36 11.14
N GLN A 85 3.66 15.76 11.30
CA GLN A 85 3.03 15.00 10.22
C GLN A 85 1.84 15.72 9.58
N ILE A 86 1.73 17.07 9.73
CA ILE A 86 0.62 17.85 9.15
C ILE A 86 0.49 17.66 7.64
N GLU A 87 1.57 17.93 6.89
CA GLU A 87 1.64 17.82 5.43
C GLU A 87 1.35 16.39 5.02
N HIS A 88 2.03 15.43 5.66
CA HIS A 88 1.86 13.98 5.44
C HIS A 88 0.39 13.58 5.58
N THR A 89 -0.31 14.12 6.61
CA THR A 89 -1.70 13.80 6.91
C THR A 89 -2.65 14.43 5.90
N LEU A 90 -2.41 15.69 5.57
CA LEU A 90 -3.25 16.40 4.59
C LEU A 90 -3.10 15.77 3.18
N ASN A 91 -1.87 15.46 2.79
CA ASN A 91 -1.55 14.88 1.49
C ASN A 91 -2.14 13.45 1.37
N GLU A 92 -2.09 12.68 2.46
CA GLU A 92 -2.64 11.33 2.47
C GLU A 92 -4.15 11.37 2.12
N LYS A 93 -4.88 12.28 2.77
CA LYS A 93 -6.32 12.41 2.60
C LYS A 93 -6.67 13.03 1.27
N ARG A 94 -5.92 14.08 0.85
CA ARG A 94 -6.19 14.73 -0.44
C ARG A 94 -5.99 13.75 -1.62
N ILE A 95 -4.95 12.89 -1.55
CA ILE A 95 -4.70 11.90 -2.61
C ILE A 95 -5.80 10.84 -2.63
N LEU A 96 -6.10 10.26 -1.46
CA LEU A 96 -7.08 9.21 -1.31
C LEU A 96 -8.49 9.57 -1.76
N GLN A 97 -8.94 10.80 -1.48
CA GLN A 97 -10.26 11.22 -1.94
C GLN A 97 -10.27 11.50 -3.48
N ALA A 98 -9.10 11.67 -4.11
CA ALA A 98 -9.01 11.98 -5.55
C ALA A 98 -8.84 10.75 -6.45
N VAL A 99 -8.39 9.60 -5.88
CA VAL A 99 -8.12 8.40 -6.68
C VAL A 99 -9.34 7.46 -6.78
N ASN A 100 -9.32 6.60 -7.80
CA ASN A 100 -10.40 5.64 -8.10
C ASN A 100 -9.83 4.49 -8.97
N PHE A 101 -9.60 3.35 -8.36
CA PHE A 101 -9.06 2.17 -9.03
C PHE A 101 -9.51 0.96 -8.21
N PRO A 102 -9.79 -0.21 -8.84
CA PRO A 102 -10.30 -1.36 -8.07
C PRO A 102 -9.39 -1.91 -6.97
N PHE A 103 -8.07 -1.70 -7.06
CA PHE A 103 -7.11 -2.23 -6.07
C PHE A 103 -6.62 -1.19 -5.08
N LEU A 104 -7.32 -0.05 -5.03
CA LEU A 104 -7.04 1.02 -4.08
C LEU A 104 -8.21 1.09 -3.09
N VAL A 105 -7.88 1.17 -1.79
CA VAL A 105 -8.90 1.28 -0.73
C VAL A 105 -9.67 2.59 -0.96
N LYS A 106 -10.99 2.53 -0.83
CA LYS A 106 -11.87 3.68 -1.01
C LYS A 106 -12.04 4.46 0.30
N LEU A 107 -11.86 5.80 0.25
CA LEU A 107 -12.14 6.71 1.35
C LEU A 107 -13.63 7.04 1.15
N GLU A 108 -14.49 6.56 2.05
CA GLU A 108 -15.95 6.75 1.98
C GLU A 108 -16.38 8.10 2.49
N PHE A 109 -15.79 8.54 3.62
CA PHE A 109 -16.12 9.86 4.19
C PHE A 109 -14.91 10.35 4.93
N SER A 110 -14.88 11.67 5.18
CA SER A 110 -13.88 12.28 6.02
C SER A 110 -14.49 13.47 6.73
N PHE A 111 -14.03 13.75 7.97
CA PHE A 111 -14.45 14.86 8.83
C PHE A 111 -13.46 15.04 9.95
N LYS A 112 -13.66 16.09 10.73
CA LYS A 112 -12.82 16.42 11.86
C LYS A 112 -13.68 17.05 12.97
N ASP A 113 -13.21 16.95 14.22
CA ASP A 113 -13.88 17.58 15.35
C ASP A 113 -12.85 18.45 16.10
N ASN A 114 -13.10 18.80 17.36
CA ASN A 114 -12.21 19.62 18.16
C ASN A 114 -10.83 19.00 18.35
N SER A 115 -10.75 17.67 18.56
CA SER A 115 -9.51 16.94 18.82
C SER A 115 -8.96 16.10 17.67
N ASN A 116 -9.86 15.47 16.88
CA ASN A 116 -9.46 14.49 15.86
C ASN A 116 -9.80 14.75 14.39
N LEU A 117 -9.13 13.98 13.51
CA LEU A 117 -9.30 13.88 12.04
C LEU A 117 -9.79 12.47 11.81
N TYR A 118 -10.79 12.30 10.92
CA TYR A 118 -11.40 11.00 10.69
C TYR A 118 -11.45 10.64 9.22
N MET A 119 -10.97 9.45 8.90
CA MET A 119 -11.00 8.93 7.54
C MET A 119 -11.78 7.64 7.62
N VAL A 120 -12.96 7.65 7.03
CA VAL A 120 -13.84 6.49 7.01
C VAL A 120 -13.56 5.76 5.70
N LEU A 121 -12.98 4.58 5.83
CA LEU A 121 -12.54 3.80 4.69
C LEU A 121 -13.35 2.55 4.54
N GLU A 122 -13.33 2.04 3.33
CA GLU A 122 -13.97 0.79 3.00
C GLU A 122 -13.30 -0.32 3.87
N TYR A 123 -14.13 -1.13 4.55
CA TYR A 123 -13.66 -2.20 5.41
C TYR A 123 -13.26 -3.44 4.63
N LEU A 124 -12.08 -3.96 4.96
CA LEU A 124 -11.46 -5.12 4.33
C LEU A 124 -11.35 -6.26 5.35
N PRO A 125 -12.44 -7.06 5.47
CA PRO A 125 -12.46 -8.11 6.50
C PRO A 125 -11.43 -9.21 6.37
N GLY A 126 -10.84 -9.37 5.20
CA GLY A 126 -9.83 -10.40 4.98
C GLY A 126 -8.52 -10.14 5.69
N GLY A 127 -8.34 -8.94 6.23
CA GLY A 127 -7.12 -8.56 6.95
C GLY A 127 -5.93 -8.27 6.05
N GLU A 128 -4.74 -8.15 6.63
CA GLU A 128 -3.51 -7.83 5.90
C GLU A 128 -2.89 -9.04 5.21
N MET A 129 -2.26 -8.83 4.02
CA MET A 129 -1.52 -9.89 3.32
C MET A 129 -0.41 -10.36 4.27
N PHE A 130 0.16 -9.43 5.04
CA PHE A 130 1.22 -9.72 5.99
C PHE A 130 0.94 -10.98 6.86
N SER A 131 -0.23 -11.02 7.52
CA SER A 131 -0.66 -12.12 8.39
C SER A 131 -0.78 -13.43 7.62
N HIS A 132 -1.45 -13.39 6.46
CA HIS A 132 -1.64 -14.58 5.61
C HIS A 132 -0.30 -15.12 5.13
N LEU A 133 0.62 -14.24 4.72
CA LEU A 133 1.94 -14.62 4.26
C LEU A 133 2.79 -15.25 5.36
N ARG A 134 2.77 -14.66 6.57
CA ARG A 134 3.56 -15.23 7.69
C ARG A 134 2.99 -16.60 8.15
N ARG A 135 1.65 -16.72 8.11
CA ARG A 135 0.93 -17.93 8.50
C ARG A 135 1.22 -19.07 7.51
N ILE A 136 1.08 -18.81 6.20
CA ILE A 136 1.33 -19.84 5.19
C ILE A 136 2.84 -20.12 5.01
N GLY A 137 3.66 -19.12 5.29
CA GLY A 137 5.11 -19.22 5.18
C GLY A 137 5.53 -18.49 3.93
N ARG A 138 5.18 -19.07 2.76
CA ARG A 138 5.42 -18.52 1.43
C ARG A 138 4.25 -18.86 0.52
N PHE A 139 4.01 -18.03 -0.51
CA PHE A 139 2.96 -18.26 -1.52
C PHE A 139 3.60 -18.98 -2.71
N SEP A 140 2.83 -19.84 -3.38
CA SEP A 140 3.30 -20.49 -4.60
CB SEP A 140 2.29 -21.62 -5.01
OG SEP A 140 1.08 -21.02 -5.56
C SEP A 140 3.39 -19.40 -5.68
O SEP A 140 2.82 -18.32 -5.50
P SEP A 140 -0.14 -22.02 -5.76
O1P SEP A 140 -0.41 -22.65 -4.37
O2P SEP A 140 -1.37 -21.16 -6.13
O3P SEP A 140 0.11 -23.15 -6.80
N GLU A 141 4.12 -19.66 -6.77
CA GLU A 141 4.31 -18.72 -7.87
C GLU A 141 3.00 -18.26 -8.55
N PRO A 142 2.02 -19.14 -8.88
CA PRO A 142 0.74 -18.60 -9.42
C PRO A 142 -0.03 -17.73 -8.41
N HIS A 143 0.06 -18.03 -7.10
CA HIS A 143 -0.57 -17.26 -6.00
C HIS A 143 0.12 -15.89 -5.89
N ALA A 144 1.47 -15.87 -5.85
CA ALA A 144 2.26 -14.63 -5.82
C ALA A 144 1.99 -13.81 -7.10
N ARG A 145 1.89 -14.49 -8.26
CA ARG A 145 1.62 -13.85 -9.56
C ARG A 145 0.31 -13.10 -9.59
N PHE A 146 -0.74 -13.67 -9.03
CA PHE A 146 -2.06 -13.05 -8.97
C PHE A 146 -2.03 -11.71 -8.19
N TYR A 147 -1.37 -11.67 -7.01
CA TYR A 147 -1.24 -10.44 -6.23
C TYR A 147 -0.34 -9.44 -6.98
N ALA A 148 0.83 -9.93 -7.49
CA ALA A 148 1.78 -9.09 -8.25
C ALA A 148 1.11 -8.35 -9.41
N ALA A 149 0.28 -9.05 -10.22
CA ALA A 149 -0.45 -8.51 -11.38
C ALA A 149 -1.33 -7.31 -11.01
N GLN A 150 -1.99 -7.38 -9.82
CA GLN A 150 -2.85 -6.30 -9.33
C GLN A 150 -2.01 -5.12 -8.98
N ILE A 151 -0.81 -5.36 -8.42
CA ILE A 151 0.10 -4.28 -8.07
C ILE A 151 0.59 -3.57 -9.33
N VAL A 152 0.97 -4.36 -10.36
CA VAL A 152 1.42 -3.81 -11.66
C VAL A 152 0.35 -2.86 -12.24
N LEU A 153 -0.92 -3.28 -12.25
CA LEU A 153 -1.99 -2.45 -12.81
C LEU A 153 -2.24 -1.18 -11.95
N THR A 154 -2.11 -1.31 -10.62
CA THR A 154 -2.25 -0.22 -9.67
C THR A 154 -1.17 0.85 -9.87
N PHE A 155 0.11 0.41 -9.99
CA PHE A 155 1.26 1.30 -10.25
C PHE A 155 1.15 1.94 -11.63
N GLU A 156 0.65 1.20 -12.62
CA GLU A 156 0.43 1.78 -13.94
C GLU A 156 -0.59 2.94 -13.80
N TYR A 157 -1.68 2.73 -13.03
CA TYR A 157 -2.69 3.77 -12.79
C TYR A 157 -2.07 4.97 -12.02
N LEU A 158 -1.44 4.71 -10.83
CA LEU A 158 -0.84 5.76 -9.99
C LEU A 158 0.21 6.58 -10.72
N HIS A 159 1.14 5.90 -11.40
CA HIS A 159 2.21 6.56 -12.14
C HIS A 159 1.70 7.42 -13.29
N SER A 160 0.56 7.04 -13.92
CA SER A 160 -0.05 7.85 -15.00
C SER A 160 -0.57 9.16 -14.42
N LEU A 161 -0.87 9.19 -13.11
CA LEU A 161 -1.35 10.38 -12.44
C LEU A 161 -0.21 11.19 -11.83
N ASP A 162 1.04 10.83 -12.15
CA ASP A 162 2.27 11.39 -11.54
C ASP A 162 2.31 11.16 -10.03
N LEU A 163 1.83 10.00 -9.61
CA LEU A 163 1.84 9.64 -8.21
C LEU A 163 2.84 8.52 -7.95
N ILE A 164 3.71 8.68 -6.95
CA ILE A 164 4.63 7.64 -6.49
C ILE A 164 4.06 7.10 -5.17
N TYR A 165 4.03 5.79 -4.99
CA TYR A 165 3.45 5.18 -3.78
C TYR A 165 4.39 5.21 -2.54
N ARG A 166 5.62 4.70 -2.72
CA ARG A 166 6.71 4.76 -1.73
C ARG A 166 6.65 3.89 -0.50
N ASP A 167 5.60 3.08 -0.31
CA ASP A 167 5.56 2.25 0.87
C ASP A 167 4.99 0.86 0.60
N LEU A 168 5.36 0.28 -0.56
CA LEU A 168 4.85 -1.05 -0.89
C LEU A 168 5.45 -2.07 0.06
N LYS A 169 4.60 -2.94 0.60
CA LYS A 169 5.00 -4.01 1.50
C LYS A 169 3.75 -4.84 1.84
N PRO A 170 3.88 -6.11 2.27
CA PRO A 170 2.68 -6.90 2.60
C PRO A 170 1.83 -6.23 3.70
N GLU A 171 2.44 -5.42 4.61
CA GLU A 171 1.70 -4.68 5.65
C GLU A 171 0.66 -3.71 5.08
N ASN A 172 0.91 -3.14 3.88
CA ASN A 172 0.05 -2.13 3.21
C ASN A 172 -0.87 -2.69 2.17
N LEU A 173 -1.08 -4.01 2.22
CA LEU A 173 -1.96 -4.70 1.30
C LEU A 173 -2.93 -5.48 2.10
N MET A 174 -4.19 -5.45 1.69
CA MET A 174 -5.23 -6.17 2.41
C MET A 174 -6.05 -6.95 1.46
N ILE A 175 -6.66 -8.05 1.93
CA ILE A 175 -7.44 -8.96 1.09
C ILE A 175 -8.91 -8.64 1.29
N ASP A 176 -9.67 -8.53 0.20
CA ASP A 176 -11.10 -8.27 0.28
C ASP A 176 -11.86 -9.60 0.30
N GLN A 177 -13.20 -9.53 0.26
CA GLN A 177 -14.12 -10.66 0.30
C GLN A 177 -13.95 -11.60 -0.91
N GLN A 178 -13.56 -11.05 -2.07
CA GLN A 178 -13.36 -11.80 -3.32
C GLN A 178 -11.95 -12.41 -3.42
N GLY A 179 -11.11 -12.15 -2.42
CA GLY A 179 -9.73 -12.62 -2.40
C GLY A 179 -8.79 -11.70 -3.17
N TYR A 180 -9.31 -10.57 -3.69
CA TYR A 180 -8.54 -9.57 -4.40
C TYR A 180 -7.85 -8.67 -3.40
N ILE A 181 -6.74 -8.02 -3.79
CA ILE A 181 -6.02 -7.13 -2.87
C ILE A 181 -6.38 -5.66 -3.00
N LYS A 182 -6.11 -4.92 -1.93
CA LYS A 182 -6.23 -3.48 -1.91
C LYS A 182 -5.04 -2.87 -1.28
N VAL A 183 -4.48 -1.87 -1.94
CA VAL A 183 -3.39 -1.06 -1.42
C VAL A 183 -4.05 -0.12 -0.40
N THR A 184 -3.47 -0.01 0.80
CA THR A 184 -4.03 0.84 1.86
C THR A 184 -3.31 2.18 2.10
N ASP A 185 -2.29 2.19 2.96
CA ASP A 185 -1.63 3.40 3.48
C ASP A 185 -1.09 4.38 2.46
N PHE A 186 -1.73 5.54 2.35
CA PHE A 186 -1.34 6.58 1.39
C PHE A 186 -0.47 7.68 2.02
N GLY A 187 -0.01 7.43 3.24
CA GLY A 187 0.86 8.34 3.99
C GLY A 187 2.13 8.75 3.26
N PHE A 188 2.74 7.81 2.51
CA PHE A 188 3.97 8.15 1.78
C PHE A 188 3.80 8.45 0.30
N ALA A 189 2.53 8.37 -0.19
CA ALA A 189 2.18 8.67 -1.59
C ALA A 189 2.47 10.14 -1.91
N LYS A 190 3.00 10.41 -3.11
CA LYS A 190 3.34 11.80 -3.46
C LYS A 190 3.18 12.11 -4.92
N ARG A 191 2.73 13.34 -5.21
CA ARG A 191 2.63 13.88 -6.58
C ARG A 191 4.04 14.29 -7.03
N VAL A 192 4.61 13.55 -7.97
CA VAL A 192 5.98 13.79 -8.47
C VAL A 192 5.96 13.86 -9.99
N LYS A 193 6.16 15.08 -10.54
CA LYS A 193 6.23 15.34 -11.98
C LYS A 193 7.60 14.88 -12.52
N GLY A 194 8.67 15.33 -11.85
CA GLY A 194 10.05 15.01 -12.19
C GLY A 194 10.75 14.15 -11.15
N ARG A 195 11.42 14.77 -10.18
CA ARG A 195 12.14 14.05 -9.13
C ARG A 195 11.80 14.45 -7.71
N THR A 196 12.10 13.53 -6.77
CA THR A 196 11.96 13.72 -5.34
C THR A 196 13.23 13.22 -4.61
N TRP A 197 13.48 13.78 -3.41
CA TRP A 197 14.67 13.48 -2.62
C TRP A 197 14.39 12.99 -1.19
N TPO A 198 13.14 13.00 -0.74
CA TPO A 198 12.80 12.65 0.65
CB TPO A 198 11.27 12.89 0.92
CG2 TPO A 198 10.79 12.50 2.35
OG1 TPO A 198 10.99 14.29 0.70
P TPO A 198 9.81 14.30 -0.30
O1P TPO A 198 8.46 13.73 0.30
O2P TPO A 198 9.58 15.76 -0.86
O3P TPO A 198 10.14 13.39 -1.50
C TPO A 198 13.14 11.22 1.04
O TPO A 198 12.82 10.28 0.31
N LEU A 199 13.78 11.06 2.21
CA LEU A 199 14.13 9.75 2.74
C LEU A 199 12.88 9.18 3.41
N CYS A 200 12.20 8.25 2.72
CA CYS A 200 11.01 7.62 3.26
C CYS A 200 10.79 6.23 2.63
N GLY A 201 10.01 5.43 3.35
CA GLY A 201 9.66 4.06 3.02
C GLY A 201 10.12 3.15 4.15
N THR A 202 10.08 1.85 3.92
CA THR A 202 10.43 0.80 4.88
C THR A 202 11.79 0.22 4.47
N PRO A 203 12.76 0.08 5.41
CA PRO A 203 14.12 -0.34 5.04
C PRO A 203 14.25 -1.47 4.02
N GLU A 204 13.59 -2.64 4.26
CA GLU A 204 13.67 -3.82 3.38
C GLU A 204 13.21 -3.56 1.97
N TYR A 205 12.33 -2.55 1.80
CA TYR A 205 11.72 -2.20 0.52
C TYR A 205 12.36 -1.04 -0.20
N LEU A 206 13.35 -0.39 0.43
CA LEU A 206 14.01 0.78 -0.17
C LEU A 206 14.92 0.47 -1.36
N ALA A 207 14.69 1.18 -2.48
CA ALA A 207 15.54 1.15 -3.68
C ALA A 207 16.97 1.68 -3.30
N PRO A 208 18.05 1.19 -3.96
CA PRO A 208 19.40 1.66 -3.60
C PRO A 208 19.57 3.18 -3.70
N GLU A 209 18.94 3.82 -4.72
CA GLU A 209 19.02 5.27 -4.95
C GLU A 209 18.47 6.11 -3.79
N ILE A 210 17.45 5.59 -3.06
CA ILE A 210 16.91 6.27 -1.87
C ILE A 210 18.00 6.20 -0.78
N ILE A 211 18.50 4.97 -0.48
CA ILE A 211 19.55 4.69 0.51
C ILE A 211 20.76 5.57 0.22
N LEU A 212 21.16 5.65 -1.06
CA LEU A 212 22.30 6.45 -1.51
C LEU A 212 22.01 7.94 -1.57
N SER A 213 20.86 8.41 -1.02
CA SER A 213 20.52 9.84 -0.98
C SER A 213 20.49 10.53 -2.36
N LYS A 214 20.13 9.78 -3.42
CA LYS A 214 20.05 10.38 -4.73
C LYS A 214 18.63 10.89 -4.98
N GLY A 215 18.51 11.73 -6.00
CA GLY A 215 17.23 12.22 -6.51
C GLY A 215 16.56 11.04 -7.18
N TYR A 216 15.29 10.79 -6.88
CA TYR A 216 14.67 9.58 -7.45
C TYR A 216 13.29 9.80 -8.02
N ASN A 217 12.77 8.77 -8.70
CA ASN A 217 11.44 8.86 -9.30
C ASN A 217 10.63 7.57 -9.06
N LYS A 218 9.55 7.39 -9.85
CA LYS A 218 8.64 6.26 -9.81
C LYS A 218 9.29 4.86 -9.94
N ALA A 219 10.56 4.79 -10.44
CA ALA A 219 11.31 3.53 -10.56
C ALA A 219 11.51 2.87 -9.18
N VAL A 220 11.52 3.65 -8.09
CA VAL A 220 11.59 3.12 -6.71
C VAL A 220 10.42 2.14 -6.42
N ASP A 221 9.25 2.39 -7.03
CA ASP A 221 8.05 1.54 -6.88
C ASP A 221 8.23 0.21 -7.60
N TRP A 222 8.88 0.20 -8.75
CA TRP A 222 9.17 -1.04 -9.47
C TRP A 222 10.22 -1.91 -8.73
N TRP A 223 11.20 -1.27 -8.07
CA TRP A 223 12.20 -1.99 -7.26
C TRP A 223 11.43 -2.65 -6.08
N ALA A 224 10.51 -1.88 -5.41
CA ALA A 224 9.69 -2.35 -4.30
C ALA A 224 8.80 -3.51 -4.72
N LEU A 225 8.29 -3.50 -5.99
CA LEU A 225 7.54 -4.62 -6.54
C LEU A 225 8.43 -5.89 -6.58
N GLY A 226 9.70 -5.73 -6.96
CA GLY A 226 10.68 -6.81 -6.98
C GLY A 226 10.86 -7.39 -5.60
N VAL A 227 10.92 -6.51 -4.56
CA VAL A 227 11.05 -6.96 -3.16
C VAL A 227 9.82 -7.74 -2.75
N LEU A 228 8.60 -7.18 -3.03
CA LEU A 228 7.32 -7.78 -2.70
C LEU A 228 7.20 -9.17 -3.30
N ILE A 229 7.45 -9.31 -4.62
CA ILE A 229 7.39 -10.59 -5.32
C ILE A 229 8.35 -11.55 -4.68
N TYR A 230 9.59 -11.13 -4.44
CA TYR A 230 10.54 -12.02 -3.79
C TYR A 230 10.00 -12.49 -2.40
N GLU A 231 9.50 -11.55 -1.57
CA GLU A 231 8.98 -11.92 -0.23
C GLU A 231 7.78 -12.85 -0.32
N MET A 232 6.87 -12.60 -1.28
CA MET A 232 5.69 -13.45 -1.41
C MET A 232 6.09 -14.89 -1.80
N ALA A 233 7.06 -15.01 -2.72
CA ALA A 233 7.49 -16.31 -3.25
C ALA A 233 8.40 -17.11 -2.33
N ALA A 234 9.36 -16.43 -1.65
CA ALA A 234 10.33 -17.04 -0.73
C ALA A 234 9.82 -17.21 0.70
N GLY A 235 9.06 -16.22 1.19
CA GLY A 235 8.55 -16.19 2.55
C GLY A 235 9.33 -15.26 3.44
N TYR A 236 10.42 -14.71 2.90
CA TYR A 236 11.33 -13.76 3.54
C TYR A 236 11.82 -12.72 2.48
N PRO A 237 12.21 -11.48 2.86
CA PRO A 237 12.66 -10.51 1.84
C PRO A 237 14.06 -10.82 1.26
N PRO A 238 14.43 -10.25 0.08
CA PRO A 238 15.76 -10.55 -0.49
C PRO A 238 16.92 -9.91 0.29
N PHE A 239 16.63 -8.88 1.12
CA PHE A 239 17.63 -8.19 1.96
C PHE A 239 17.09 -8.01 3.38
N PHE A 240 17.67 -8.77 4.31
CA PHE A 240 17.28 -8.71 5.70
C PHE A 240 18.48 -8.78 6.60
N ALA A 241 18.35 -8.23 7.81
CA ALA A 241 19.39 -8.18 8.84
C ALA A 241 18.72 -7.72 10.13
N ASP A 242 19.46 -7.64 11.24
CA ASP A 242 18.88 -7.24 12.53
C ASP A 242 18.56 -5.76 12.60
N GLN A 243 19.41 -4.92 11.99
CA GLN A 243 19.30 -3.47 12.03
C GLN A 243 19.20 -2.84 10.62
N PRO A 244 18.40 -1.75 10.45
CA PRO A 244 18.29 -1.10 9.12
C PRO A 244 19.60 -0.85 8.37
N ILE A 245 20.65 -0.36 9.08
CA ILE A 245 21.98 -0.10 8.51
C ILE A 245 22.53 -1.32 7.76
N GLN A 246 22.45 -2.51 8.38
CA GLN A 246 22.91 -3.76 7.79
C GLN A 246 22.04 -4.16 6.59
N ILE A 247 20.75 -3.79 6.61
CA ILE A 247 19.83 -4.06 5.50
C ILE A 247 20.28 -3.26 4.29
N TYR A 248 20.51 -1.94 4.47
CA TYR A 248 20.96 -0.97 3.45
C TYR A 248 22.24 -1.41 2.71
N GLU A 249 23.25 -1.91 3.47
CA GLU A 249 24.49 -2.40 2.89
C GLU A 249 24.25 -3.54 1.92
N LYS A 250 23.28 -4.43 2.24
CA LYS A 250 22.93 -5.55 1.38
C LYS A 250 22.28 -5.04 0.10
N ILE A 251 21.36 -4.05 0.23
CA ILE A 251 20.64 -3.44 -0.91
C ILE A 251 21.61 -2.83 -1.91
N VAL A 252 22.55 -1.99 -1.42
CA VAL A 252 23.53 -1.30 -2.28
C VAL A 252 24.51 -2.27 -2.95
N SER A 253 24.84 -3.37 -2.25
CA SER A 253 25.67 -4.47 -2.76
C SER A 253 24.94 -5.10 -3.97
N GLY A 254 23.63 -5.27 -3.82
CA GLY A 254 22.74 -5.82 -4.85
C GLY A 254 22.84 -7.31 -5.07
N LYS A 255 23.76 -8.00 -4.37
CA LYS A 255 23.93 -9.44 -4.51
C LYS A 255 22.69 -10.13 -3.96
N VAL A 256 21.85 -10.63 -4.87
CA VAL A 256 20.59 -11.31 -4.52
C VAL A 256 20.79 -12.81 -4.70
N ARG A 257 20.38 -13.60 -3.68
CA ARG A 257 20.39 -15.05 -3.75
C ARG A 257 18.93 -15.46 -3.84
N PHE A 258 18.62 -16.37 -4.75
CA PHE A 258 17.26 -16.85 -4.94
C PHE A 258 17.09 -18.27 -4.39
N PRO A 259 15.97 -18.58 -3.71
CA PRO A 259 15.75 -19.97 -3.25
C PRO A 259 15.76 -20.95 -4.44
N SER A 260 16.22 -22.20 -4.26
CA SER A 260 16.32 -23.19 -5.35
C SER A 260 14.97 -23.48 -6.03
N HIS A 261 13.87 -23.35 -5.29
CA HIS A 261 12.50 -23.56 -5.78
C HIS A 261 12.02 -22.45 -6.75
N PHE A 262 12.69 -21.27 -6.79
CA PHE A 262 12.31 -20.18 -7.70
C PHE A 262 12.49 -20.63 -9.15
N SER A 263 11.48 -20.43 -10.01
CA SER A 263 11.56 -20.83 -11.43
C SER A 263 12.50 -19.87 -12.16
N SER A 264 13.02 -20.25 -13.32
CA SER A 264 13.93 -19.41 -14.11
C SER A 264 13.27 -18.09 -14.57
N ASP A 265 11.99 -18.16 -14.95
CA ASP A 265 11.18 -16.98 -15.33
C ASP A 265 11.03 -16.04 -14.15
N LEU A 266 10.91 -16.59 -12.91
CA LEU A 266 10.81 -15.73 -11.71
C LEU A 266 12.14 -14.96 -11.43
N LYS A 267 13.26 -15.70 -11.38
CA LYS A 267 14.60 -15.16 -11.15
C LYS A 267 14.95 -14.09 -12.18
N ASP A 268 14.59 -14.32 -13.47
CA ASP A 268 14.86 -13.38 -14.54
C ASP A 268 14.13 -12.08 -14.30
N LEU A 269 12.78 -12.13 -14.05
CA LEU A 269 11.97 -10.96 -13.74
C LEU A 269 12.56 -10.21 -12.54
N LEU A 270 12.89 -10.95 -11.47
CA LEU A 270 13.47 -10.40 -10.25
C LEU A 270 14.81 -9.71 -10.48
N ARG A 271 15.69 -10.28 -11.31
CA ARG A 271 16.96 -9.65 -11.66
C ARG A 271 16.69 -8.31 -12.41
N ASN A 272 15.59 -8.25 -13.18
CA ASN A 272 15.25 -7.03 -13.92
C ASN A 272 14.53 -5.96 -13.06
N LEU A 273 13.92 -6.36 -11.94
CA LEU A 273 13.24 -5.41 -11.06
C LEU A 273 14.23 -5.00 -9.96
N LEU A 274 14.96 -5.99 -9.39
CA LEU A 274 15.99 -5.75 -8.38
C LEU A 274 17.31 -5.33 -9.05
N GLN A 275 17.19 -4.35 -9.95
CA GLN A 275 18.23 -3.78 -10.79
C GLN A 275 18.67 -2.40 -10.26
N VAL A 276 19.91 -2.36 -9.73
CA VAL A 276 20.61 -1.20 -9.18
C VAL A 276 20.71 -0.09 -10.25
N ASP A 277 21.01 -0.46 -11.51
CA ASP A 277 21.11 0.50 -12.60
C ASP A 277 19.78 0.89 -13.19
N LEU A 278 19.45 2.17 -12.98
CA LEU A 278 18.22 2.84 -13.40
C LEU A 278 17.94 2.82 -14.88
N THR A 279 18.96 2.62 -15.71
CA THR A 279 18.83 2.58 -17.17
C THR A 279 18.58 1.15 -17.66
N LYS A 280 18.45 0.18 -16.72
CA LYS A 280 18.23 -1.23 -17.02
C LYS A 280 17.04 -1.85 -16.23
N ARG A 281 16.55 -1.15 -15.21
CA ARG A 281 15.44 -1.63 -14.37
C ARG A 281 14.10 -1.61 -15.10
N PHE A 282 13.40 -2.77 -15.11
CA PHE A 282 12.07 -2.91 -15.72
C PHE A 282 11.09 -1.96 -15.07
N GLY A 283 10.27 -1.33 -15.90
CA GLY A 283 9.27 -0.33 -15.51
C GLY A 283 9.76 1.07 -15.78
N ASN A 284 11.11 1.24 -15.89
CA ASN A 284 11.84 2.50 -16.09
C ASN A 284 12.49 2.66 -17.49
N LEU A 285 12.29 1.67 -18.38
CA LEU A 285 12.86 1.68 -19.71
C LEU A 285 11.91 2.33 -20.71
N LYS A 286 12.24 2.26 -22.01
CA LYS A 286 11.50 2.83 -23.14
C LYS A 286 10.02 2.38 -23.21
N ASN A 287 9.78 1.05 -23.13
CA ASN A 287 8.45 0.42 -23.19
C ASN A 287 7.73 0.39 -21.85
N GLY A 288 8.22 1.17 -20.87
CA GLY A 288 7.68 1.34 -19.54
C GLY A 288 7.13 0.10 -18.86
N VAL A 289 5.84 0.14 -18.46
CA VAL A 289 5.17 -0.98 -17.76
C VAL A 289 5.05 -2.28 -18.60
N ASN A 290 5.05 -2.16 -19.95
CA ASN A 290 4.95 -3.30 -20.86
C ASN A 290 6.08 -4.31 -20.78
N ASP A 291 7.27 -3.89 -20.31
CA ASP A 291 8.44 -4.77 -20.09
C ASP A 291 8.11 -5.79 -18.98
N ILE A 292 7.31 -5.37 -18.01
CA ILE A 292 6.88 -6.22 -16.91
C ILE A 292 5.69 -7.04 -17.37
N LYS A 293 4.64 -6.37 -17.89
CA LYS A 293 3.43 -7.02 -18.36
C LYS A 293 3.66 -8.15 -19.32
N ASN A 294 4.62 -7.98 -20.26
CA ASN A 294 4.94 -8.94 -21.30
C ASN A 294 6.09 -9.86 -20.92
N HIS A 295 6.54 -9.86 -19.64
CA HIS A 295 7.61 -10.77 -19.23
C HIS A 295 7.04 -12.21 -19.20
N LYS A 296 7.92 -13.22 -19.40
CA LYS A 296 7.55 -14.64 -19.42
C LYS A 296 6.83 -15.10 -18.16
N TRP A 297 7.22 -14.59 -17.00
CA TRP A 297 6.60 -14.96 -15.73
C TRP A 297 5.13 -14.59 -15.69
N PHE A 298 4.72 -13.53 -16.41
CA PHE A 298 3.31 -13.12 -16.50
C PHE A 298 2.64 -13.57 -17.82
N ALA A 299 3.18 -14.60 -18.52
CA ALA A 299 2.59 -15.02 -19.80
C ALA A 299 1.18 -15.61 -19.71
N THR A 300 0.84 -16.24 -18.56
CA THR A 300 -0.48 -16.84 -18.35
C THR A 300 -1.44 -15.82 -17.72
N THR A 301 -0.96 -14.57 -17.49
CA THR A 301 -1.76 -13.51 -16.89
C THR A 301 -2.64 -12.81 -17.93
N ASP A 302 -3.96 -12.87 -17.71
CA ASP A 302 -4.93 -12.16 -18.54
C ASP A 302 -5.15 -10.85 -17.77
N TRP A 303 -4.46 -9.78 -18.20
CA TRP A 303 -4.46 -8.46 -17.57
C TRP A 303 -5.85 -7.81 -17.45
N ILE A 304 -6.69 -7.96 -18.48
CA ILE A 304 -8.06 -7.45 -18.53
C ILE A 304 -8.91 -8.20 -17.54
N ALA A 305 -8.78 -9.55 -17.51
CA ALA A 305 -9.55 -10.39 -16.59
C ALA A 305 -9.21 -10.10 -15.11
N ILE A 306 -7.93 -9.76 -14.81
CA ILE A 306 -7.49 -9.37 -13.46
C ILE A 306 -8.16 -8.03 -13.10
N TYR A 307 -8.01 -7.02 -13.97
CA TYR A 307 -8.60 -5.68 -13.79
C TYR A 307 -10.14 -5.75 -13.60
N GLN A 308 -10.82 -6.60 -14.40
CA GLN A 308 -12.27 -6.79 -14.37
C GLN A 308 -12.69 -7.74 -13.25
N ARG A 309 -11.70 -8.29 -12.51
CA ARG A 309 -11.90 -9.15 -11.35
C ARG A 309 -12.64 -10.47 -11.70
N LYS A 310 -12.39 -10.96 -12.93
CA LYS A 310 -13.01 -12.18 -13.47
C LYS A 310 -12.23 -13.44 -13.09
N VAL A 311 -10.92 -13.29 -12.81
CA VAL A 311 -10.02 -14.39 -12.41
C VAL A 311 -10.41 -14.89 -11.01
N GLU A 312 -10.44 -16.21 -10.86
CA GLU A 312 -10.72 -16.88 -9.60
C GLU A 312 -9.50 -16.67 -8.72
N ALA A 313 -9.69 -16.04 -7.55
CA ALA A 313 -8.60 -15.78 -6.61
C ALA A 313 -8.01 -17.10 -6.10
N PRO A 314 -6.69 -17.20 -5.82
CA PRO A 314 -6.14 -18.50 -5.35
C PRO A 314 -6.49 -18.80 -3.89
N PHE A 315 -6.90 -17.77 -3.16
CA PHE A 315 -7.23 -17.82 -1.74
C PHE A 315 -8.38 -16.85 -1.45
N ILE A 316 -9.45 -17.35 -0.83
CA ILE A 316 -10.60 -16.54 -0.47
C ILE A 316 -10.75 -16.65 1.06
N PRO A 317 -10.59 -15.52 1.80
CA PRO A 317 -10.67 -15.60 3.27
C PRO A 317 -12.02 -16.08 3.78
N LYS A 318 -12.02 -16.66 5.01
CA LYS A 318 -13.21 -17.20 5.67
C LYS A 318 -14.21 -16.07 5.98
N PHE A 319 -15.31 -16.05 5.20
CA PHE A 319 -16.39 -15.07 5.33
C PHE A 319 -17.33 -15.49 6.45
N LYS A 320 -17.55 -14.61 7.43
CA LYS A 320 -18.45 -14.86 8.54
C LYS A 320 -19.14 -13.57 9.00
N GLY A 321 -19.84 -12.93 8.07
CA GLY A 321 -20.55 -11.69 8.33
C GLY A 321 -19.84 -10.46 7.77
N PRO A 322 -20.58 -9.36 7.51
CA PRO A 322 -19.94 -8.16 6.93
C PRO A 322 -19.00 -7.41 7.88
N GLY A 323 -19.27 -7.49 9.18
CA GLY A 323 -18.48 -6.89 10.25
C GLY A 323 -17.66 -7.89 11.04
N ASP A 324 -17.34 -9.03 10.43
CA ASP A 324 -16.51 -10.09 11.04
C ASP A 324 -15.08 -9.55 11.23
N THR A 325 -14.46 -9.80 12.42
CA THR A 325 -13.10 -9.32 12.77
C THR A 325 -12.02 -10.40 13.00
N SER A 326 -12.35 -11.68 12.72
CA SER A 326 -11.45 -12.82 12.94
C SER A 326 -10.01 -12.70 12.37
N ASN A 327 -9.86 -11.95 11.26
CA ASN A 327 -8.58 -11.73 10.57
C ASN A 327 -7.76 -10.54 11.10
N PHE A 328 -8.10 -10.03 12.29
CA PHE A 328 -7.35 -8.91 12.87
C PHE A 328 -6.87 -9.26 14.28
N ASP A 329 -5.73 -8.69 14.67
CA ASP A 329 -5.18 -8.88 16.01
C ASP A 329 -5.97 -8.05 17.04
N ASP A 330 -5.92 -8.43 18.33
CA ASP A 330 -6.63 -7.68 19.37
C ASP A 330 -5.71 -6.60 19.92
N TYR A 331 -6.27 -5.42 20.20
CA TYR A 331 -5.52 -4.27 20.71
C TYR A 331 -6.27 -3.73 21.91
N GLU A 332 -5.58 -2.93 22.72
CA GLU A 332 -6.18 -2.33 23.90
C GLU A 332 -7.24 -1.32 23.43
N GLU A 333 -8.47 -1.46 23.94
CA GLU A 333 -9.59 -0.57 23.60
C GLU A 333 -9.46 0.72 24.38
N GLU A 334 -8.95 1.75 23.70
CA GLU A 334 -8.77 3.07 24.29
C GLU A 334 -9.94 3.98 23.98
N GLU A 335 -10.19 4.92 24.89
CA GLU A 335 -11.26 5.91 24.76
C GLU A 335 -10.98 6.88 23.62
N ILE A 336 -12.06 7.44 23.06
CA ILE A 336 -12.01 8.45 22.02
C ILE A 336 -12.46 9.72 22.72
N ARG A 337 -11.46 10.50 23.14
CA ARG A 337 -11.66 11.77 23.82
C ARG A 337 -11.78 12.88 22.78
N VAL A 338 -12.78 13.73 22.97
CA VAL A 338 -13.07 14.90 22.13
C VAL A 338 -13.02 16.09 23.10
N SEP A 339 -12.04 16.97 22.91
CA SEP A 339 -11.87 18.14 23.78
CB SEP A 339 -10.54 18.88 23.56
OG SEP A 339 -10.49 20.03 24.46
C SEP A 339 -13.04 19.12 23.62
O SEP A 339 -13.71 19.13 22.58
P SEP A 339 -9.68 19.81 25.77
O1P SEP A 339 -8.60 18.72 25.50
O2P SEP A 339 -8.95 21.12 26.04
O3P SEP A 339 -10.65 19.38 26.88
N ILE A 340 -13.26 19.94 24.66
CA ILE A 340 -14.29 20.97 24.64
C ILE A 340 -13.74 22.14 23.81
N ASN A 341 -12.39 22.23 23.72
CA ASN A 341 -11.66 23.25 23.00
C ASN A 341 -11.13 22.75 21.64
N GLU A 342 -11.36 23.57 20.59
CA GLU A 342 -10.87 23.30 19.24
C GLU A 342 -9.35 23.35 19.25
N LYS A 343 -8.72 22.25 18.82
CA LYS A 343 -7.27 22.13 18.77
C LYS A 343 -6.80 22.12 17.32
N CYS A 344 -5.71 22.86 17.04
CA CYS A 344 -5.01 22.94 15.75
C CYS A 344 -5.93 23.27 14.56
N GLY A 345 -6.82 24.24 14.75
CA GLY A 345 -7.80 24.68 13.75
C GLY A 345 -7.22 25.14 12.43
N LYS A 346 -6.19 25.98 12.50
CA LYS A 346 -5.52 26.57 11.33
C LYS A 346 -4.75 25.55 10.48
N GLU A 347 -3.96 24.68 11.14
CA GLU A 347 -3.11 23.65 10.52
C GLU A 347 -3.90 22.64 9.68
N PHE A 348 -5.11 22.27 10.14
CA PHE A 348 -5.94 21.27 9.47
C PHE A 348 -7.18 21.85 8.80
N SER A 349 -7.09 23.14 8.40
CA SER A 349 -8.17 23.88 7.74
C SER A 349 -8.72 23.19 6.47
N GLU A 350 -7.84 22.65 5.61
CA GLU A 350 -8.22 21.99 4.36
C GLU A 350 -8.74 20.54 4.48
N PHE A 351 -8.54 19.88 5.63
CA PHE A 351 -9.00 18.50 5.87
C PHE A 351 -10.55 18.42 5.80
N THR B 1 19.87 -22.34 7.31
CA THR B 1 19.20 -21.97 6.07
C THR B 1 18.86 -20.50 6.11
N THR B 2 18.49 -19.92 4.95
CA THR B 2 18.08 -18.51 4.84
C THR B 2 16.80 -18.21 5.66
N TYR B 3 15.77 -19.09 5.59
CA TYR B 3 14.54 -18.91 6.36
C TYR B 3 14.82 -18.89 7.85
N ALA B 4 15.71 -19.82 8.32
CA ALA B 4 16.10 -19.95 9.72
C ALA B 4 16.73 -18.66 10.22
N ASP B 5 17.69 -18.10 9.47
CA ASP B 5 18.35 -16.83 9.77
C ASP B 5 17.26 -15.75 9.98
N PHE B 6 16.31 -15.62 9.02
CA PHE B 6 15.20 -14.67 9.06
C PHE B 6 14.29 -14.85 10.28
N ILE B 7 13.84 -16.09 10.53
CA ILE B 7 12.92 -16.48 11.63
C ILE B 7 13.48 -16.19 13.01
N ALA B 8 14.78 -16.48 13.18
CA ALA B 8 15.48 -16.24 14.44
C ALA B 8 15.78 -14.75 14.61
N SER B 9 15.69 -13.95 13.51
CA SER B 9 15.96 -12.51 13.59
C SER B 9 14.84 -11.70 14.25
N GLY B 10 15.11 -10.42 14.48
CA GLY B 10 14.15 -9.53 15.11
C GLY B 10 13.28 -8.76 14.14
N ARG B 11 13.22 -9.17 12.86
CA ARG B 11 12.46 -8.44 11.84
C ARG B 11 11.41 -9.26 11.08
N THR B 12 10.76 -10.19 11.80
CA THR B 12 9.71 -11.06 11.28
C THR B 12 8.32 -10.47 11.48
N GLY B 13 8.19 -9.48 12.36
CA GLY B 13 6.95 -8.78 12.64
C GLY B 13 6.70 -7.65 11.65
N ARG B 14 5.57 -6.93 11.82
CA ARG B 14 5.18 -5.78 10.96
C ARG B 14 6.25 -4.72 11.08
N ARG B 15 6.73 -4.25 9.94
CA ARG B 15 7.82 -3.29 9.86
C ARG B 15 7.31 -1.88 9.70
N ASN B 16 7.90 -0.96 10.45
CA ASN B 16 7.57 0.45 10.42
C ASN B 16 8.35 1.17 9.34
N ALA B 17 7.74 2.22 8.80
CA ALA B 17 8.41 3.10 7.85
C ALA B 17 9.44 3.89 8.65
N ILE B 18 10.52 4.35 7.99
CA ILE B 18 11.55 5.14 8.67
C ILE B 18 11.07 6.56 8.98
C NU3 C . -9.40 -1.51 6.48
N NU3 C . -9.53 -0.65 5.45
O NU3 C . -10.17 -2.46 6.65
C1 NU3 C . -8.28 -1.28 7.45
N1 NU3 C . -5.49 0.91 7.68
O1 NU3 C . -4.35 6.09 3.92
C2 NU3 C . -8.13 -2.13 8.55
N2 NU3 C . -7.23 0.77 6.25
C3 NU3 C . -7.04 -2.02 9.40
C4 NU3 C . -6.09 -1.03 9.19
C5 NU3 C . -6.26 -0.16 8.11
C6 NU3 C . -6.12 1.44 6.58
C7 NU3 C . -5.62 2.64 5.88
C8 NU3 C . -6.16 3.01 4.64
C9 NU3 C . -5.74 4.16 4.00
C10 NU3 C . -4.77 4.97 4.58
C11 NU3 C . -4.22 4.61 5.81
C12 NU3 C . -4.64 3.45 6.44
C13 NU3 C . -7.36 -0.25 7.20
C1 MPD D . -7.65 -0.58 -17.47
C2 MPD D . -6.34 -1.35 -17.66
O2 MPD D . -5.80 -0.99 -18.95
CM MPD D . -6.60 -2.84 -17.71
C3 MPD D . -5.30 -1.12 -16.51
C4 MPD D . -4.94 0.31 -16.01
O4 MPD D . -4.02 0.22 -14.93
C5 MPD D . -4.35 1.19 -17.10
#